data_1W1D
#
_entry.id   1W1D
#
_cell.length_a   35.399
_cell.length_b   58.922
_cell.length_c   36.578
_cell.angle_alpha   90.00
_cell.angle_beta   101.48
_cell.angle_gamma   90.00
#
_symmetry.space_group_name_H-M   'P 1 21 1'
#
loop_
_entity.id
_entity.type
_entity.pdbx_description
1 polymer '3-PHOSPHOINOSITIDE DEPENDENT PROTEIN KINASE-1'
2 non-polymer GLYCEROL
3 non-polymer 'GOLD ION'
4 non-polymer INOSITOL-(1,3,4,5)-TETRAKISPHOSPHATE
5 water water
#
_entity_poly.entity_id   1
_entity_poly.type   'polypeptide(L)'
_entity_poly.pdbx_seq_one_letter_code
;GPLGSNIEQYIHDLDSNSFELDLQFSEDEKRLLLEKQAGGNPWHQFVENNLILKMGPVDKRKGLFARRRQLLLTEGPHLY
YVDPVNKVLKGEIPWSQELRPEAKNFKTFFVHTPNRTYYLMDPSGNAHKWCRKIQEVWRQRYQSHPDAAVQ
;
_entity_poly.pdbx_strand_id   A
#
loop_
_chem_comp.id
_chem_comp.type
_chem_comp.name
_chem_comp.formula
4IP non-polymer INOSITOL-(1,3,4,5)-TETRAKISPHOSPHATE 'C6 H16 O18 P4'
AU non-polymer 'GOLD ION' 'Au 1'
GOL non-polymer GLYCEROL 'C3 H8 O3'
#
# COMPACT_ATOMS: atom_id res chain seq x y z
N PRO A 2 -1.26 25.00 -7.72
CA PRO A 2 -1.31 25.89 -8.94
C PRO A 2 -2.69 25.79 -9.53
N LEU A 3 -3.23 26.90 -10.01
CA LEU A 3 -4.56 26.87 -10.60
C LEU A 3 -4.58 25.88 -11.77
N GLY A 4 -5.59 25.02 -11.76
CA GLY A 4 -5.81 24.06 -12.82
C GLY A 4 -5.08 22.73 -12.63
N SER A 5 -4.35 22.56 -11.51
CA SER A 5 -3.51 21.36 -11.29
C SER A 5 -4.34 20.15 -10.83
N ASN A 6 -5.35 20.38 -9.99
CA ASN A 6 -6.22 19.30 -9.46
C ASN A 6 -5.50 17.97 -9.28
N ILE A 7 -4.62 17.95 -8.30
CA ILE A 7 -3.80 16.82 -7.99
C ILE A 7 -4.63 15.59 -7.57
N GLU A 8 -5.84 15.85 -7.08
CA GLU A 8 -6.74 14.82 -6.63
C GLU A 8 -7.16 13.87 -7.76
N GLN A 9 -6.93 14.24 -9.01
CA GLN A 9 -7.18 13.38 -10.14
C GLN A 9 -6.47 12.03 -10.11
N TYR A 10 -5.32 12.00 -9.43
CA TYR A 10 -4.53 10.80 -9.36
C TYR A 10 -4.95 9.90 -8.23
N ILE A 11 -5.89 10.34 -7.39
CA ILE A 11 -6.25 9.61 -6.21
C ILE A 11 -7.61 9.00 -6.39
N HIS A 12 -7.72 7.73 -6.06
CA HIS A 12 -8.94 6.97 -6.19
C HIS A 12 -9.31 6.30 -4.88
N ASP A 13 -10.34 6.86 -4.26
CA ASP A 13 -10.74 6.37 -2.94
C ASP A 13 -11.59 5.12 -3.03
N LEU A 14 -11.32 4.14 -2.19
CA LEU A 14 -12.24 3.00 -2.06
C LEU A 14 -13.12 3.06 -0.83
N ASP A 15 -12.62 3.74 0.21
CA ASP A 15 -13.28 3.89 1.51
C ASP A 15 -12.52 5.00 2.26
N SER A 16 -12.96 5.33 3.48
CA SER A 16 -12.36 6.42 4.26
C SER A 16 -10.88 6.22 4.62
N ASN A 17 -10.45 4.96 4.72
CA ASN A 17 -9.07 4.62 5.12
C ASN A 17 -8.35 3.86 4.00
N SER A 18 -8.87 3.99 2.80
CA SER A 18 -8.43 3.18 1.66
C SER A 18 -8.42 3.97 0.39
N PHE A 19 -7.30 4.01 -0.29
CA PHE A 19 -7.23 4.63 -1.65
C PHE A 19 -6.08 4.01 -2.42
N GLU A 20 -6.02 4.30 -3.72
CA GLU A 20 -4.84 4.00 -4.53
C GLU A 20 -4.60 5.15 -5.49
N LEU A 21 -3.34 5.30 -5.88
CA LEU A 21 -2.90 6.32 -6.79
C LEU A 21 -2.53 5.79 -8.15
N ASP A 22 -2.92 6.54 -9.17
CA ASP A 22 -2.34 6.34 -10.50
C ASP A 22 -0.88 6.77 -10.44
N LEU A 23 -0.02 6.05 -11.14
CA LEU A 23 1.43 6.21 -10.97
C LEU A 23 2.18 7.09 -11.92
N GLN A 24 1.47 7.70 -12.85
CA GLN A 24 2.16 8.35 -14.01
C GLN A 24 2.44 9.87 -13.82
N PHE A 25 2.17 10.39 -12.65
CA PHE A 25 2.37 11.81 -12.40
C PHE A 25 3.85 12.18 -12.41
N SER A 26 4.10 13.45 -12.58
CA SER A 26 5.46 14.00 -12.65
C SER A 26 6.09 14.23 -11.30
N GLU A 27 7.41 14.44 -11.30
CA GLU A 27 8.15 14.74 -10.09
C GLU A 27 7.55 15.93 -9.40
N ASP A 28 7.17 17.00 -10.13
CA ASP A 28 6.52 18.17 -9.55
C ASP A 28 5.16 17.85 -8.94
N GLU A 29 4.35 17.05 -9.62
CA GLU A 29 3.06 16.65 -9.09
C GLU A 29 3.27 15.82 -7.85
N LYS A 30 4.30 14.99 -7.83
CA LYS A 30 4.57 14.17 -6.64
C LYS A 30 4.77 15.06 -5.42
N ARG A 31 5.47 16.18 -5.57
CA ARG A 31 5.70 17.05 -4.42
C ARG A 31 4.40 17.47 -3.81
N LEU A 32 3.42 17.77 -4.66
CA LEU A 32 2.17 18.28 -4.20
C LEU A 32 1.34 17.15 -3.59
N LEU A 33 1.39 15.96 -4.17
CA LEU A 33 0.77 14.80 -3.59
C LEU A 33 1.31 14.51 -2.21
N LEU A 34 2.62 14.61 -2.06
CA LEU A 34 3.27 14.38 -0.77
C LEU A 34 2.86 15.44 0.27
N GLU A 35 2.77 16.72 -0.14
CA GLU A 35 2.38 17.77 0.77
C GLU A 35 0.97 17.48 1.26
N LYS A 36 0.11 17.07 0.35
CA LYS A 36 -1.26 16.70 0.71
C LYS A 36 -1.29 15.57 1.71
N GLN A 37 -0.49 14.53 1.47
CA GLN A 37 -0.37 13.42 2.39
C GLN A 37 0.11 13.84 3.77
N ALA A 38 1.17 14.64 3.79
CA ALA A 38 1.75 15.09 5.07
C ALA A 38 0.74 15.87 5.89
N GLY A 39 -0.09 16.62 5.22
CA GLY A 39 -1.11 17.41 5.88
C GLY A 39 -2.30 16.61 6.37
N GLY A 40 -2.70 15.61 5.61
CA GLY A 40 -4.03 15.07 5.79
C GLY A 40 -4.14 13.58 6.01
N ASN A 41 -3.05 12.85 5.81
CA ASN A 41 -3.11 11.42 5.95
C ASN A 41 -2.63 11.01 7.33
N PRO A 42 -3.50 10.36 8.12
CA PRO A 42 -3.11 10.02 9.50
C PRO A 42 -1.99 8.98 9.61
N TRP A 43 -1.65 8.33 8.50
CA TRP A 43 -0.59 7.34 8.49
C TRP A 43 0.75 7.84 8.00
N HIS A 44 0.82 9.13 7.66
CA HIS A 44 2.05 9.67 7.11
C HIS A 44 3.22 9.42 8.03
N GLN A 45 2.99 9.57 9.34
CA GLN A 45 4.08 9.41 10.30
C GLN A 45 4.85 8.10 10.25
N PHE A 46 4.21 7.09 9.67
CA PHE A 46 4.72 5.73 9.70
C PHE A 46 5.53 5.32 8.46
N VAL A 47 5.51 6.13 7.42
CA VAL A 47 6.02 5.72 6.14
C VAL A 47 7.29 6.43 5.66
N GLU A 48 8.04 7.06 6.56
CA GLU A 48 9.37 7.57 6.23
C GLU A 48 9.38 8.59 5.12
N ASN A 49 8.37 9.43 5.12
CA ASN A 49 8.19 10.46 4.11
C ASN A 49 8.06 9.97 2.67
N ASN A 50 7.73 8.66 2.53
CA ASN A 50 7.47 8.09 1.25
C ASN A 50 6.01 8.37 0.85
N LEU A 51 5.78 8.71 -0.41
CA LEU A 51 4.45 8.82 -0.93
C LEU A 51 3.73 7.48 -0.89
N ILE A 52 2.53 7.47 -0.32
CA ILE A 52 1.66 6.31 -0.27
C ILE A 52 0.89 6.16 -1.57
N LEU A 53 1.15 5.04 -2.22
CA LEU A 53 0.54 4.67 -3.50
C LEU A 53 -0.71 3.83 -3.39
N LYS A 54 -0.84 3.10 -2.29
CA LYS A 54 -2.07 2.38 -1.94
C LYS A 54 -2.09 2.09 -0.47
N MET A 55 -3.25 2.25 0.18
CA MET A 55 -3.37 1.84 1.59
C MET A 55 -4.75 1.36 1.87
N GLY A 56 -4.85 0.54 2.90
CA GLY A 56 -6.13 0.10 3.42
C GLY A 56 -5.95 -1.01 4.43
N PRO A 57 -7.02 -1.30 5.16
CA PRO A 57 -6.98 -2.32 6.22
C PRO A 57 -6.94 -3.73 5.67
N VAL A 58 -6.18 -4.58 6.34
CA VAL A 58 -6.15 -5.99 6.06
C VAL A 58 -6.06 -6.76 7.35
N ASP A 59 -6.47 -8.01 7.34
CA ASP A 59 -6.24 -8.92 8.45
C ASP A 59 -5.09 -9.85 8.09
N LYS A 60 -3.98 -9.71 8.81
CA LYS A 60 -2.78 -10.49 8.52
C LYS A 60 -2.78 -11.73 9.37
N ARG A 61 -2.84 -12.87 8.68
CA ARG A 61 -2.87 -14.19 9.33
C ARG A 61 -1.49 -14.60 9.76
N LYS A 62 -1.40 -15.07 11.00
CA LYS A 62 -0.15 -15.59 11.54
C LYS A 62 -0.53 -16.43 12.75
N GLY A 63 -0.08 -17.66 12.77
CA GLY A 63 -0.56 -18.59 13.77
C GLY A 63 -1.97 -19.01 13.45
N LEU A 64 -2.73 -19.31 14.49
CA LEU A 64 -4.12 -19.72 14.35
C LEU A 64 -5.02 -18.59 13.92
N PHE A 65 -4.65 -17.36 14.26
CA PHE A 65 -5.56 -16.26 14.03
C PHE A 65 -4.89 -15.15 13.25
N ALA A 66 -5.06 -13.91 13.65
CA ALA A 66 -4.72 -12.79 12.74
C ALA A 66 -4.74 -11.49 13.53
N ARG A 67 -4.20 -10.45 12.93
CA ARG A 67 -4.29 -9.12 13.48
C ARG A 67 -4.67 -8.12 12.35
N ARG A 68 -5.57 -7.20 12.67
CA ARG A 68 -5.93 -6.12 11.79
C ARG A 68 -4.80 -5.11 11.76
N ARG A 69 -4.30 -4.82 10.56
CA ARG A 69 -3.28 -3.83 10.29
C ARG A 69 -3.67 -2.91 9.15
N GLN A 70 -3.20 -1.68 9.19
CA GLN A 70 -3.24 -0.80 8.06
C GLN A 70 -2.02 -1.11 7.19
N LEU A 71 -2.26 -1.45 5.94
CA LEU A 71 -1.19 -1.82 5.00
C LEU A 71 -0.94 -0.65 4.08
N LEU A 72 0.32 -0.28 3.92
CA LEU A 72 0.70 0.86 3.08
C LEU A 72 1.79 0.49 2.07
N LEU A 73 1.42 0.54 0.77
CA LEU A 73 2.33 0.45 -0.34
C LEU A 73 2.80 1.85 -0.71
N THR A 74 4.09 2.09 -0.70
CA THR A 74 4.67 3.38 -0.93
C THR A 74 5.73 3.35 -1.97
N GLU A 75 6.15 4.54 -2.39
CA GLU A 75 7.36 4.68 -3.17
C GLU A 75 8.52 4.07 -2.42
N GLY A 76 9.55 3.67 -3.16
CA GLY A 76 10.71 2.97 -2.63
C GLY A 76 11.06 1.80 -3.52
N PRO A 77 10.24 0.73 -3.56
CA PRO A 77 8.97 0.61 -2.80
C PRO A 77 9.15 0.12 -1.37
N HIS A 78 8.05 0.33 -0.62
CA HIS A 78 7.83 -0.24 0.68
C HIS A 78 6.42 -0.78 0.81
N LEU A 79 6.28 -1.81 1.65
CA LEU A 79 4.99 -2.28 2.16
C LEU A 79 5.08 -2.27 3.70
N TYR A 80 4.63 -1.21 4.30
CA TYR A 80 4.55 -1.06 5.74
C TYR A 80 3.24 -1.59 6.28
N TYR A 81 3.23 -2.11 7.51
CA TYR A 81 1.97 -2.41 8.19
C TYR A 81 1.97 -1.91 9.65
N VAL A 82 0.87 -1.31 9.99
CA VAL A 82 0.73 -0.48 11.19
C VAL A 82 -0.45 -1.00 12.03
N ASP A 83 -0.29 -1.02 13.35
CA ASP A 83 -1.36 -1.33 14.28
C ASP A 83 -2.22 -0.05 14.37
N PRO A 84 -3.48 -0.11 13.89
CA PRO A 84 -4.36 1.07 13.74
C PRO A 84 -5.00 1.54 15.05
N VAL A 85 -4.93 0.71 16.09
CA VAL A 85 -5.51 1.07 17.38
C VAL A 85 -4.45 1.72 18.22
N ASN A 86 -3.31 1.10 18.30
CA ASN A 86 -2.22 1.60 19.12
C ASN A 86 -1.36 2.61 18.37
N LYS A 87 -1.56 2.75 17.06
CA LYS A 87 -0.81 3.71 16.25
C LYS A 87 0.70 3.52 16.32
N VAL A 88 1.14 2.30 15.99
CA VAL A 88 2.52 1.89 16.00
C VAL A 88 2.82 1.06 14.75
N LEU A 89 3.95 1.32 14.10
CA LEU A 89 4.44 0.54 13.01
C LEU A 89 4.80 -0.83 13.58
N LYS A 90 4.30 -1.88 12.93
CA LYS A 90 4.63 -3.24 13.36
C LYS A 90 5.66 -3.95 12.51
N GLY A 91 5.81 -3.55 11.26
CA GLY A 91 6.79 -4.13 10.38
C GLY A 91 6.60 -3.73 8.92
N GLU A 92 7.43 -4.32 8.07
CA GLU A 92 7.41 -4.18 6.64
C GLU A 92 7.47 -5.55 6.00
N ILE A 93 6.80 -5.71 4.88
CA ILE A 93 7.04 -6.82 4.01
C ILE A 93 8.26 -6.49 3.16
N PRO A 94 9.30 -7.31 3.20
CA PRO A 94 10.57 -6.94 2.52
C PRO A 94 10.49 -7.02 1.03
N TRP A 95 10.90 -5.96 0.37
CA TRP A 95 10.98 -5.95 -1.09
C TRP A 95 12.30 -6.48 -1.60
N SER A 96 12.17 -7.24 -2.64
CA SER A 96 13.28 -7.65 -3.49
C SER A 96 12.66 -8.09 -4.85
N GLN A 97 13.51 -8.33 -5.84
CA GLN A 97 13.05 -8.78 -7.13
C GLN A 97 12.28 -10.09 -7.02
N GLU A 98 12.55 -10.86 -5.98
CA GLU A 98 11.88 -12.12 -5.76
C GLU A 98 10.48 -12.02 -5.09
N LEU A 99 10.05 -10.80 -4.67
CA LEU A 99 8.73 -10.64 -4.09
C LEU A 99 7.69 -10.86 -5.19
N ARG A 100 6.59 -11.55 -4.87
CA ARG A 100 5.53 -11.83 -5.81
C ARG A 100 4.16 -11.83 -5.10
N PRO A 101 3.19 -11.00 -5.55
CA PRO A 101 1.84 -11.09 -5.01
C PRO A 101 1.02 -12.16 -5.74
N GLU A 102 0.00 -12.66 -5.05
CA GLU A 102 -0.92 -13.65 -5.59
C GLU A 102 -2.28 -13.48 -4.94
N ALA A 103 -3.37 -13.39 -5.71
CA ALA A 103 -4.71 -13.36 -5.10
C ALA A 103 -5.31 -14.72 -5.23
N LYS A 104 -5.73 -15.24 -4.11
CA LYS A 104 -6.40 -16.53 -4.05
C LYS A 104 -7.90 -16.36 -4.48
N ASN A 105 -8.50 -15.30 -4.02
CA ASN A 105 -9.89 -14.96 -4.36
C ASN A 105 -10.09 -13.47 -4.07
N PHE A 106 -11.32 -12.99 -3.92
CA PHE A 106 -11.57 -11.55 -3.83
C PHE A 106 -11.20 -11.03 -2.44
N LYS A 107 -11.05 -11.93 -1.48
CA LYS A 107 -10.83 -11.53 -0.09
C LYS A 107 -9.55 -12.06 0.51
N THR A 108 -8.70 -12.69 -0.28
CA THR A 108 -7.46 -13.25 0.21
C THR A 108 -6.36 -13.01 -0.80
N PHE A 109 -5.26 -12.40 -0.37
CA PHE A 109 -4.05 -12.34 -1.18
C PHE A 109 -2.83 -12.66 -0.34
N PHE A 110 -1.81 -13.15 -1.03
CA PHE A 110 -0.53 -13.49 -0.43
C PHE A 110 0.55 -12.58 -1.00
N VAL A 111 1.59 -12.32 -0.21
CA VAL A 111 2.80 -11.71 -0.73
C VAL A 111 3.93 -12.68 -0.41
N HIS A 112 4.47 -13.27 -1.46
CA HIS A 112 5.58 -14.20 -1.35
C HIS A 112 6.93 -13.49 -1.29
N THR A 113 7.76 -13.79 -0.29
CA THR A 113 9.14 -13.30 -0.24
C THR A 113 9.99 -14.55 0.05
N PRO A 114 11.31 -14.47 -0.18
CA PRO A 114 12.13 -15.72 -0.17
C PRO A 114 12.01 -16.59 1.07
N ASN A 115 11.94 -15.98 2.24
CA ASN A 115 11.87 -16.75 3.47
C ASN A 115 10.55 -16.65 4.18
N ARG A 116 9.52 -16.07 3.53
CA ARG A 116 8.22 -15.96 4.18
C ARG A 116 7.14 -15.55 3.20
N THR A 117 6.00 -16.23 3.29
CA THR A 117 4.81 -15.79 2.56
C THR A 117 3.86 -15.11 3.55
N TYR A 118 3.48 -13.88 3.27
CA TYR A 118 2.55 -13.09 4.08
C TYR A 118 1.12 -13.38 3.59
N TYR A 119 0.19 -13.58 4.51
CA TYR A 119 -1.16 -14.03 4.20
C TYR A 119 -2.08 -12.91 4.67
N LEU A 120 -2.70 -12.25 3.73
CA LEU A 120 -3.55 -11.08 4.02
C LEU A 120 -5.02 -11.31 3.59
N MET A 121 -5.93 -10.97 4.47
CA MET A 121 -7.38 -11.03 4.17
C MET A 121 -7.91 -9.61 4.03
N ASP A 122 -8.75 -9.42 3.01
CA ASP A 122 -9.39 -8.16 2.68
C ASP A 122 -10.89 -8.40 2.65
N PRO A 123 -11.59 -8.22 3.77
CA PRO A 123 -13.04 -8.47 3.76
C PRO A 123 -13.84 -7.51 2.88
N SER A 124 -13.21 -6.49 2.31
CA SER A 124 -13.90 -5.61 1.35
C SER A 124 -14.09 -6.23 -0.05
N GLY A 125 -13.43 -7.33 -0.29
CA GLY A 125 -13.47 -7.97 -1.59
C GLY A 125 -12.59 -7.38 -2.67
N ASN A 126 -11.55 -6.65 -2.26
CA ASN A 126 -10.67 -5.96 -3.19
C ASN A 126 -9.26 -6.55 -3.23
N ALA A 127 -9.11 -7.83 -2.89
CA ALA A 127 -7.79 -8.44 -2.88
C ALA A 127 -7.11 -8.41 -4.24
N HIS A 128 -7.86 -8.52 -5.32
CA HIS A 128 -7.22 -8.40 -6.63
C HIS A 128 -6.63 -7.01 -6.85
N LYS A 129 -7.25 -5.98 -6.28
CA LYS A 129 -6.73 -4.60 -6.46
C LYS A 129 -5.39 -4.50 -5.73
N TRP A 130 -5.24 -5.16 -4.60
CA TRP A 130 -3.97 -5.19 -3.91
C TRP A 130 -2.94 -5.94 -4.75
N CYS A 131 -3.32 -7.12 -5.28
CA CYS A 131 -2.40 -7.89 -6.10
C CYS A 131 -1.94 -7.08 -7.28
N ARG A 132 -2.87 -6.46 -8.00
CA ARG A 132 -2.58 -5.74 -9.23
C ARG A 132 -1.67 -4.59 -8.94
N LYS A 133 -1.92 -3.85 -7.85
CA LYS A 133 -1.11 -2.69 -7.55
C LYS A 133 0.32 -3.04 -7.11
N ILE A 134 0.42 -4.07 -6.28
CA ILE A 134 1.75 -4.56 -5.91
C ILE A 134 2.50 -5.02 -7.15
N GLN A 135 1.81 -5.69 -8.07
CA GLN A 135 2.48 -6.17 -9.30
C GLN A 135 2.88 -5.00 -10.24
N GLU A 136 2.06 -3.96 -10.31
CA GLU A 136 2.39 -2.77 -11.05
C GLU A 136 3.63 -2.14 -10.53
N VAL A 137 3.70 -2.03 -9.20
CA VAL A 137 4.88 -1.48 -8.57
C VAL A 137 6.11 -2.36 -8.86
N TRP A 138 5.95 -3.68 -8.74
CA TRP A 138 7.04 -4.62 -8.98
C TRP A 138 7.57 -4.40 -10.43
N ARG A 139 6.67 -4.28 -11.41
CA ARG A 139 7.11 -4.05 -12.81
C ARG A 139 7.91 -2.74 -12.92
N GLN A 140 7.43 -1.69 -12.27
CA GLN A 140 8.13 -0.38 -12.32
C GLN A 140 9.48 -0.43 -11.65
N ARG A 141 9.59 -1.25 -10.61
CA ARG A 141 10.80 -1.33 -9.82
C ARG A 141 11.86 -2.21 -10.49
N TYR A 142 11.43 -3.31 -11.09
CA TYR A 142 12.39 -4.39 -11.48
C TYR A 142 12.50 -4.53 -12.98
N GLN A 143 11.59 -3.92 -13.73
CA GLN A 143 11.68 -4.00 -15.19
C GLN A 143 12.03 -2.60 -15.72
N SER A 144 12.57 -2.53 -16.95
CA SER A 144 12.97 -1.22 -17.53
C SER A 144 11.77 -0.27 -17.68
N HIS A 145 11.82 0.97 -17.40
C1 GOL B . -0.19 -19.29 9.09
O1 GOL B . -1.42 -18.68 9.52
C2 GOL B . 1.00 -18.42 9.47
O2 GOL B . 1.56 -18.89 10.69
C3 GOL B . 2.03 -18.38 8.32
O3 GOL B . 3.27 -17.68 8.63
AU AU C . -1.70 -9.49 -9.41
AU AU C . -3.52 -11.68 -8.59
C1 4IP D . 1.88 -12.04 16.27
O1 4IP D . 0.82 -12.67 16.94
C2 4IP D . 1.35 -11.06 15.21
O2 4IP D . 0.71 -11.81 14.17
C3 4IP D . 2.59 -10.34 14.64
O3 4IP D . 2.09 -9.36 13.71
C4 4IP D . 3.48 -11.33 13.94
O4 4IP D . 4.68 -10.66 13.47
C5 4IP D . 4.04 -12.34 14.97
O5 4IP D . 4.66 -13.36 14.16
C6 4IP D . 2.86 -13.06 15.64
O6 4IP D . 3.38 -13.91 16.68
P1 4IP D . 0.29 -12.08 18.35
O1P 4IP D . 1.43 -12.15 19.35
O2P 4IP D . -0.08 -10.65 18.13
O3P 4IP D . -0.83 -13.03 18.70
P3 4IP D . 2.26 -7.81 13.97
O4P 4IP D . 3.87 -7.62 13.92
O5P 4IP D . 1.76 -7.43 15.33
O6P 4IP D . 1.64 -7.16 12.77
P4 4IP D . 4.87 -10.16 11.96
O7P 4IP D . 3.75 -10.74 11.03
O8P 4IP D . 4.94 -8.66 12.03
O9P 4IP D . 6.13 -10.80 11.54
P5 4IP D . 6.21 -13.75 14.12
OPF 4IP D . 6.71 -13.09 15.34
OPG 4IP D . 6.60 -13.02 12.82
OPH 4IP D . 6.44 -15.18 14.05
#